data_7YYA
#
_entry.id   7YYA
#
_cell.length_a   76.082
_cell.length_b   125.489
_cell.length_c   119.177
_cell.angle_alpha   90.000
_cell.angle_beta   90.000
_cell.angle_gamma   90.000
#
_symmetry.space_group_name_H-M   'C 2 2 21'
#
loop_
_entity.id
_entity.type
_entity.pdbx_description
1 polymer 'Phosphopantetheine adenylyltransferase'
2 non-polymer '3-indol-1-ylpropanoic acid'
3 water water
#
_entity_poly.entity_id   1
_entity_poly.type   'polypeptide(L)'
_entity_poly.pdbx_seq_one_letter_code
;SMTGAVCPGSFDPVTLGHLDVFERAAAQFDEVIVAVLINPNKAGMFTVDERIEMIRESTADLPNLRVESGQGLLVDFVRE
RGLNAIVKGLRTGTDFEYELQMAQMNKHIAGVDTFFVATAPAYSFVSSSLAKEVATYGGDVSALLPASVHQRLLGKLRGQ
AQ
;
_entity_poly.pdbx_strand_id   A,B,C
#
loop_
_chem_comp.id
_chem_comp.type
_chem_comp.name
_chem_comp.formula
EQ5 non-polymer '3-indol-1-ylpropanoic acid' 'C11 H11 N O2'
#
# COMPACT_ATOMS: atom_id res chain seq x y z
N MET A 2 37.84 -6.84 -5.16
CA MET A 2 37.20 -6.88 -3.85
C MET A 2 35.84 -6.17 -3.85
N THR A 3 35.21 -6.05 -5.02
CA THR A 3 33.87 -5.45 -5.10
C THR A 3 32.85 -6.43 -4.52
N GLY A 4 31.69 -5.93 -4.10
CA GLY A 4 30.70 -6.81 -3.51
C GLY A 4 29.35 -6.16 -3.29
N ALA A 5 28.30 -6.96 -3.29
CA ALA A 5 26.98 -6.44 -3.02
C ALA A 5 26.14 -7.43 -2.23
N VAL A 6 25.16 -6.90 -1.50
CA VAL A 6 24.19 -7.73 -0.78
C VAL A 6 22.83 -7.66 -1.47
N CYS A 7 22.22 -8.83 -1.69
CA CYS A 7 20.87 -8.94 -2.25
C CYS A 7 19.92 -9.40 -1.15
N PRO A 8 19.14 -8.47 -0.58
CA PRO A 8 18.31 -8.71 0.60
C PRO A 8 16.88 -9.06 0.27
N GLY A 9 16.22 -9.80 1.16
CA GLY A 9 14.80 -10.08 1.03
C GLY A 9 14.37 -11.08 2.08
N SER A 10 13.08 -11.39 2.11
CA SER A 10 12.56 -12.44 2.98
C SER A 10 12.62 -13.79 2.27
N PHE A 11 12.52 -13.78 0.93
CA PHE A 11 12.61 -15.00 0.10
C PHE A 11 11.80 -16.16 0.67
N ASP A 12 10.49 -15.95 0.78
CA ASP A 12 9.60 -16.90 1.44
C ASP A 12 8.43 -17.32 0.53
N PRO A 13 8.74 -18.04 -0.56
CA PRO A 13 10.02 -18.56 -1.03
C PRO A 13 10.73 -17.69 -2.09
N VAL A 14 11.99 -17.97 -2.35
CA VAL A 14 12.68 -17.39 -3.50
C VAL A 14 11.88 -17.69 -4.81
N THR A 15 11.87 -16.73 -5.72
CA THR A 15 11.20 -16.88 -7.02
C THR A 15 12.21 -16.79 -8.15
N LEU A 16 11.78 -17.06 -9.39
CA LEU A 16 12.68 -16.90 -10.52
C LEU A 16 13.03 -15.41 -10.76
N GLY A 17 12.18 -14.52 -10.29
CA GLY A 17 12.48 -13.09 -10.37
C GLY A 17 13.67 -12.75 -9.49
N HIS A 18 13.67 -13.31 -8.28
CA HIS A 18 14.81 -13.16 -7.37
C HIS A 18 16.08 -13.75 -7.96
N LEU A 19 15.96 -14.94 -8.53
CA LEU A 19 17.13 -15.62 -9.07
C LEU A 19 17.73 -14.83 -10.23
N ASP A 20 16.88 -14.22 -11.06
CA ASP A 20 17.36 -13.36 -12.15
C ASP A 20 18.24 -12.24 -11.61
N VAL A 21 17.75 -11.58 -10.57
CA VAL A 21 18.55 -10.53 -9.93
C VAL A 21 19.86 -11.06 -9.31
N PHE A 22 19.81 -12.18 -8.60
CA PHE A 22 21.04 -12.80 -8.07
C PHE A 22 22.09 -13.01 -9.17
N GLU A 23 21.66 -13.55 -10.30
CA GLU A 23 22.57 -13.86 -11.40
C GLU A 23 23.20 -12.60 -12.00
N ARG A 24 22.42 -11.53 -12.10
CA ARG A 24 22.95 -10.28 -12.63
C ARG A 24 23.94 -9.66 -11.66
N ALA A 25 23.62 -9.71 -10.37
CA ALA A 25 24.53 -9.21 -9.36
C ALA A 25 25.84 -10.01 -9.37
N ALA A 26 25.74 -11.33 -9.47
CA ALA A 26 26.93 -12.18 -9.45
C ALA A 26 27.80 -11.97 -10.69
N ALA A 27 27.16 -11.55 -11.79
CA ALA A 27 27.89 -11.29 -13.02
C ALA A 27 28.64 -9.96 -12.96
N GLN A 28 28.23 -9.08 -12.05
CA GLN A 28 28.73 -7.69 -12.08
C GLN A 28 29.53 -7.28 -10.85
N PHE A 29 29.52 -8.11 -9.81
CA PHE A 29 30.29 -7.85 -8.57
C PHE A 29 31.16 -9.07 -8.24
N ASP A 30 32.31 -8.86 -7.60
CA ASP A 30 33.19 -10.00 -7.33
C ASP A 30 32.56 -10.99 -6.37
N GLU A 31 31.82 -10.49 -5.38
CA GLU A 31 31.11 -11.37 -4.46
C GLU A 31 29.70 -10.87 -4.20
N VAL A 32 28.77 -11.80 -4.07
CA VAL A 32 27.40 -11.46 -3.74
C VAL A 32 26.96 -12.25 -2.53
N ILE A 33 26.35 -11.57 -1.57
CA ILE A 33 25.74 -12.27 -0.43
C ILE A 33 24.24 -12.06 -0.49
N VAL A 34 23.51 -13.17 -0.55
CA VAL A 34 22.06 -13.13 -0.44
C VAL A 34 21.71 -13.06 1.04
N ALA A 35 21.02 -11.99 1.44
CA ALA A 35 20.69 -11.81 2.85
C ALA A 35 19.24 -12.19 3.09
N VAL A 36 19.03 -13.30 3.80
CA VAL A 36 17.70 -13.76 4.11
C VAL A 36 17.30 -13.10 5.41
N LEU A 37 16.51 -12.05 5.31
CA LEU A 37 16.18 -11.24 6.49
C LEU A 37 14.92 -11.76 7.17
N ILE A 38 15.04 -11.98 8.47
CA ILE A 38 14.04 -12.67 9.26
C ILE A 38 13.43 -11.74 10.29
N ASN A 39 12.11 -11.71 10.36
CA ASN A 39 11.42 -11.05 11.46
C ASN A 39 11.19 -12.08 12.56
N PRO A 40 11.87 -11.90 13.72
CA PRO A 40 11.77 -12.92 14.77
C PRO A 40 10.39 -12.90 15.43
N ASN A 41 9.52 -11.99 14.99
CA ASN A 41 8.18 -11.84 15.54
C ASN A 41 7.07 -12.32 14.60
N LYS A 42 7.42 -12.73 13.39
CA LYS A 42 6.42 -13.33 12.50
C LYS A 42 7.03 -14.43 11.65
N ALA A 43 6.53 -15.64 11.83
CA ALA A 43 6.97 -16.76 11.01
C ALA A 43 6.41 -16.58 9.61
N GLY A 44 7.17 -17.03 8.62
CA GLY A 44 6.66 -17.05 7.26
C GLY A 44 6.14 -18.44 7.01
N MET A 45 6.02 -18.79 5.74
CA MET A 45 5.65 -20.13 5.37
C MET A 45 6.79 -21.11 5.59
N PHE A 46 7.99 -20.68 5.22
CA PHE A 46 9.21 -21.49 5.32
C PHE A 46 10.12 -21.04 6.46
N THR A 47 10.77 -22.00 7.13
CA THR A 47 11.76 -21.69 8.17
C THR A 47 13.00 -21.10 7.52
N VAL A 48 13.88 -20.50 8.33
CA VAL A 48 15.13 -19.93 7.73
C VAL A 48 15.95 -21.00 7.01
N ASP A 49 16.09 -22.19 7.60
CA ASP A 49 16.92 -23.23 6.93
C ASP A 49 16.27 -23.64 5.61
N GLU A 50 14.95 -23.74 5.57
CA GLU A 50 14.28 -24.10 4.30
C GLU A 50 14.53 -23.02 3.25
N ARG A 51 14.41 -21.76 3.64
CA ARG A 51 14.62 -20.67 2.68
C ARG A 51 16.03 -20.71 2.10
N ILE A 52 17.02 -20.90 2.96
CA ILE A 52 18.42 -20.89 2.56
C ILE A 52 18.70 -22.07 1.63
N GLU A 53 18.15 -23.22 1.98
CA GLU A 53 18.30 -24.43 1.18
C GLU A 53 17.73 -24.25 -0.22
N MET A 54 16.55 -23.65 -0.33
CA MET A 54 15.95 -23.46 -1.64
C MET A 54 16.77 -22.48 -2.49
N ILE A 55 17.35 -21.47 -1.85
CA ILE A 55 18.19 -20.53 -2.59
C ILE A 55 19.48 -21.21 -3.05
N ARG A 56 20.11 -21.98 -2.15
CA ARG A 56 21.39 -22.63 -2.47
C ARG A 56 21.25 -23.61 -3.62
N GLU A 57 20.15 -24.37 -3.62
CA GLU A 57 19.95 -25.37 -4.67
C GLU A 57 19.78 -24.73 -6.03
N SER A 58 19.19 -23.55 -6.08
CA SER A 58 18.98 -22.91 -7.37
C SER A 58 20.08 -21.90 -7.74
N THR A 59 21.13 -21.80 -6.92
CA THR A 59 22.29 -20.94 -7.23
C THR A 59 23.61 -21.68 -7.27
N ALA A 60 23.56 -23.00 -7.43
CA ALA A 60 24.78 -23.82 -7.38
C ALA A 60 25.77 -23.45 -8.50
N ASP A 61 25.27 -22.87 -9.58
CA ASP A 61 26.10 -22.48 -10.71
C ASP A 61 26.76 -21.10 -10.55
N LEU A 62 26.51 -20.43 -9.42
CA LEU A 62 27.12 -19.13 -9.17
C LEU A 62 28.16 -19.22 -8.05
N PRO A 63 29.44 -19.40 -8.42
CA PRO A 63 30.48 -19.72 -7.44
C PRO A 63 30.84 -18.55 -6.52
N ASN A 64 30.52 -17.32 -6.93
CA ASN A 64 30.84 -16.15 -6.12
C ASN A 64 29.67 -15.66 -5.26
N LEU A 65 28.63 -16.47 -5.16
CA LEU A 65 27.46 -16.12 -4.36
C LEU A 65 27.34 -16.98 -3.12
N ARG A 66 27.06 -16.37 -1.96
CA ARG A 66 26.77 -17.16 -0.76
C ARG A 66 25.50 -16.63 -0.11
N VAL A 67 24.93 -17.45 0.77
CA VAL A 67 23.63 -17.15 1.37
C VAL A 67 23.75 -17.14 2.89
N GLU A 68 23.31 -16.07 3.54
CA GLU A 68 23.33 -15.95 5.00
C GLU A 68 22.06 -15.29 5.50
N SER A 69 21.56 -15.73 6.66
CA SER A 69 20.41 -15.06 7.27
C SER A 69 20.84 -13.93 8.21
N GLY A 70 19.89 -13.05 8.53
CA GLY A 70 20.13 -11.99 9.50
C GLY A 70 18.82 -11.33 9.90
N GLN A 71 18.92 -10.34 10.80
CA GLN A 71 17.76 -9.57 11.24
C GLN A 71 18.24 -8.19 11.66
N GLY A 72 17.31 -7.31 12.03
CA GLY A 72 17.70 -5.96 12.37
C GLY A 72 18.00 -5.11 11.14
N LEU A 73 18.90 -4.14 11.28
CA LEU A 73 19.17 -3.21 10.18
C LEU A 73 19.97 -3.85 9.07
N LEU A 74 19.43 -3.80 7.86
CA LEU A 74 20.14 -4.27 6.68
C LEU A 74 21.54 -3.62 6.58
N VAL A 75 21.64 -2.31 6.81
CA VAL A 75 22.94 -1.65 6.64
C VAL A 75 24.00 -2.21 7.60
N ASP A 76 23.61 -2.73 8.77
CA ASP A 76 24.57 -3.40 9.66
C ASP A 76 25.04 -4.73 9.07
N PHE A 77 24.12 -5.50 8.48
CA PHE A 77 24.49 -6.76 7.81
C PHE A 77 25.53 -6.49 6.73
N VAL A 78 25.26 -5.46 5.94
CA VAL A 78 26.14 -5.09 4.84
C VAL A 78 27.52 -4.66 5.35
N ARG A 79 27.54 -3.70 6.27
CA ARG A 79 28.81 -3.12 6.76
C ARG A 79 29.66 -4.14 7.54
N GLU A 80 29.03 -4.99 8.33
CA GLU A 80 29.81 -5.97 9.09
C GLU A 80 30.52 -6.98 8.18
N ARG A 81 30.17 -7.00 6.90
CA ARG A 81 30.83 -7.86 5.94
C ARG A 81 31.84 -7.10 5.08
N GLY A 82 32.10 -5.86 5.47
CA GLY A 82 33.05 -5.01 4.78
C GLY A 82 32.57 -4.48 3.44
N LEU A 83 31.26 -4.49 3.22
CA LEU A 83 30.69 -4.00 1.97
C LEU A 83 29.89 -2.73 2.20
N ASN A 84 29.48 -2.07 1.12
CA ASN A 84 28.53 -0.96 1.27
C ASN A 84 27.66 -0.77 0.02
N ALA A 85 27.26 -1.89 -0.58
CA ALA A 85 26.30 -1.86 -1.68
C ALA A 85 25.19 -2.88 -1.49
N ILE A 86 23.96 -2.45 -1.79
CA ILE A 86 22.78 -3.30 -1.86
C ILE A 86 22.32 -3.37 -3.31
N VAL A 87 21.97 -4.57 -3.79
CA VAL A 87 21.34 -4.69 -5.10
C VAL A 87 19.94 -5.25 -4.94
N LYS A 88 18.96 -4.51 -5.45
CA LYS A 88 17.54 -4.81 -5.23
C LYS A 88 16.80 -4.86 -6.58
N GLY A 89 15.95 -5.88 -6.73
CA GLY A 89 15.22 -6.02 -7.99
C GLY A 89 13.95 -5.19 -8.01
N LEU A 90 13.52 -4.81 -9.22
CA LEU A 90 12.21 -4.18 -9.44
C LEU A 90 11.30 -5.10 -10.26
N ARG A 91 10.06 -5.25 -9.83
CA ARG A 91 9.08 -6.03 -10.61
C ARG A 91 7.79 -5.23 -10.73
N THR A 92 6.83 -5.77 -11.47
CA THR A 92 5.48 -5.19 -11.50
C THR A 92 4.84 -5.35 -10.12
N GLY A 93 4.42 -4.23 -9.53
CA GLY A 93 3.86 -4.26 -8.19
C GLY A 93 4.83 -3.85 -7.10
N THR A 94 6.09 -3.61 -7.46
CA THR A 94 7.05 -3.07 -6.51
C THR A 94 6.56 -1.71 -6.00
N ASP A 95 6.64 -1.49 -4.69
CA ASP A 95 6.38 -0.16 -4.15
C ASP A 95 7.67 0.64 -4.29
N PHE A 96 7.92 1.17 -5.48
CA PHE A 96 9.22 1.83 -5.71
C PHE A 96 9.42 3.07 -4.84
N GLU A 97 8.34 3.79 -4.54
CA GLU A 97 8.52 5.00 -3.70
C GLU A 97 9.03 4.57 -2.33
N TYR A 98 8.52 3.47 -1.78
CA TYR A 98 9.02 2.99 -0.47
C TYR A 98 10.48 2.58 -0.62
N GLU A 99 10.81 1.92 -1.72
CA GLU A 99 12.22 1.50 -1.92
C GLU A 99 13.16 2.70 -1.99
N LEU A 100 12.70 3.77 -2.63
CA LEU A 100 13.51 4.97 -2.74
C LEU A 100 13.69 5.60 -1.36
N GLN A 101 12.63 5.64 -0.57
CA GLN A 101 12.72 6.17 0.80
C GLN A 101 13.74 5.38 1.62
N MET A 102 13.65 4.05 1.56
CA MET A 102 14.59 3.22 2.31
C MET A 102 16.02 3.36 1.82
N ALA A 103 16.20 3.54 0.51
CA ALA A 103 17.57 3.70 -0.02
C ALA A 103 18.20 4.99 0.47
N GLN A 104 17.42 6.08 0.46
CA GLN A 104 17.93 7.37 0.92
C GLN A 104 18.24 7.31 2.42
N MET A 105 17.34 6.70 3.20
CA MET A 105 17.58 6.52 4.63
C MET A 105 18.84 5.68 4.88
N ASN A 106 19.01 4.58 4.15
CA ASN A 106 20.17 3.71 4.33
C ASN A 106 21.50 4.39 3.98
N LYS A 107 21.48 5.24 2.96
CA LYS A 107 22.64 6.05 2.63
C LYS A 107 22.91 7.06 3.74
N HIS A 108 21.85 7.68 4.24
CA HIS A 108 21.98 8.67 5.32
C HIS A 108 22.62 8.09 6.57
N ILE A 109 22.11 6.95 7.05
CA ILE A 109 22.54 6.45 8.35
C ILE A 109 23.84 5.63 8.30
N ALA A 110 24.21 5.14 7.12
CA ALA A 110 25.35 4.21 7.07
C ALA A 110 26.24 4.33 5.84
N GLY A 111 25.91 5.24 4.94
CA GLY A 111 26.73 5.44 3.74
C GLY A 111 26.67 4.30 2.73
N VAL A 112 25.68 3.44 2.87
CA VAL A 112 25.48 2.31 1.97
C VAL A 112 24.69 2.71 0.71
N ASP A 113 25.16 2.29 -0.46
CA ASP A 113 24.49 2.61 -1.73
C ASP A 113 23.53 1.50 -2.10
N THR A 114 22.44 1.84 -2.80
CA THR A 114 21.48 0.86 -3.29
C THR A 114 21.35 0.96 -4.82
N PHE A 115 21.55 -0.17 -5.49
CA PHE A 115 21.44 -0.24 -6.94
C PHE A 115 20.21 -1.06 -7.31
N PHE A 116 19.33 -0.50 -8.13
CA PHE A 116 18.12 -1.21 -8.53
C PHE A 116 18.27 -1.78 -9.93
N VAL A 117 17.76 -2.98 -10.14
CA VAL A 117 17.78 -3.56 -11.48
C VAL A 117 16.39 -4.12 -11.79
N ALA A 118 15.89 -3.89 -13.00
CA ALA A 118 14.60 -4.44 -13.41
C ALA A 118 14.69 -5.93 -13.70
N THR A 119 13.81 -6.73 -13.10
CA THR A 119 13.83 -8.16 -13.36
C THR A 119 13.37 -8.38 -14.79
N ALA A 120 13.74 -9.52 -15.36
CA ALA A 120 13.31 -9.92 -16.69
C ALA A 120 11.79 -9.86 -16.85
N PRO A 121 11.32 -9.44 -18.03
CA PRO A 121 9.87 -9.37 -18.27
C PRO A 121 9.09 -10.66 -17.92
N ALA A 122 9.65 -11.82 -18.27
CA ALA A 122 9.01 -13.10 -18.01
C ALA A 122 8.74 -13.36 -16.51
N TYR A 123 9.59 -12.77 -15.66
CA TYR A 123 9.50 -12.97 -14.21
C TYR A 123 9.01 -11.73 -13.49
N SER A 124 8.45 -10.79 -14.23
CA SER A 124 8.13 -9.48 -13.69
C SER A 124 6.82 -9.38 -12.91
N PHE A 125 5.95 -10.39 -13.01
CA PHE A 125 4.68 -10.34 -12.27
C PHE A 125 4.63 -11.35 -11.12
N VAL A 126 5.69 -12.13 -10.93
CA VAL A 126 5.72 -13.04 -9.80
C VAL A 126 6.25 -12.30 -8.55
N SER A 127 5.66 -12.61 -7.41
CA SER A 127 6.20 -12.22 -6.12
C SER A 127 5.99 -13.41 -5.22
N SER A 128 6.72 -13.47 -4.12
CA SER A 128 6.53 -14.58 -3.18
C SER A 128 5.10 -14.62 -2.68
N SER A 129 4.56 -13.46 -2.31
CA SER A 129 3.22 -13.44 -1.75
C SER A 129 2.15 -13.83 -2.79
N LEU A 130 2.23 -13.32 -4.01
CA LEU A 130 1.22 -13.67 -5.03
C LEU A 130 1.35 -15.13 -5.46
N ALA A 131 2.58 -15.64 -5.51
CA ALA A 131 2.78 -17.05 -5.83
C ALA A 131 2.13 -17.96 -4.77
N LYS A 132 2.34 -17.62 -3.50
CA LYS A 132 1.75 -18.39 -2.43
C LYS A 132 0.22 -18.34 -2.51
N GLU A 133 -0.32 -17.15 -2.73
CA GLU A 133 -1.76 -16.97 -2.79
C GLU A 133 -2.40 -17.76 -3.93
N VAL A 134 -1.78 -17.71 -5.10
CA VAL A 134 -2.31 -18.42 -6.26
C VAL A 134 -2.24 -19.94 -6.04
N ALA A 135 -1.08 -20.40 -5.59
CA ALA A 135 -0.89 -21.83 -5.31
C ALA A 135 -1.87 -22.34 -4.25
N THR A 136 -2.21 -21.48 -3.29
CA THR A 136 -3.13 -21.87 -2.20
C THR A 136 -4.46 -22.31 -2.79
N TYR A 137 -4.87 -21.64 -3.86
CA TYR A 137 -6.16 -21.91 -4.47
C TYR A 137 -6.04 -22.73 -5.74
N GLY A 138 -4.90 -23.40 -5.91
CA GLY A 138 -4.71 -24.37 -6.96
C GLY A 138 -4.13 -23.90 -8.28
N GLY A 139 -3.81 -22.61 -8.40
CA GLY A 139 -3.27 -22.10 -9.65
C GLY A 139 -1.85 -22.60 -9.92
N ASP A 140 -1.50 -22.72 -11.19
CA ASP A 140 -0.20 -23.26 -11.59
C ASP A 140 0.90 -22.20 -11.68
N VAL A 141 1.80 -22.20 -10.69
CA VAL A 141 2.89 -21.23 -10.66
C VAL A 141 4.25 -21.91 -10.92
N SER A 142 4.23 -23.12 -11.45
CA SER A 142 5.45 -23.90 -11.65
C SER A 142 6.48 -23.20 -12.54
N ALA A 143 6.04 -22.42 -13.52
CA ALA A 143 6.98 -21.76 -14.41
C ALA A 143 7.59 -20.48 -13.80
N LEU A 144 7.20 -20.14 -12.58
CA LEU A 144 7.63 -18.88 -11.98
C LEU A 144 8.57 -19.07 -10.79
N LEU A 145 8.76 -20.33 -10.40
CA LEU A 145 9.58 -20.70 -9.25
C LEU A 145 10.61 -21.73 -9.68
N PRO A 146 11.79 -21.69 -9.06
CA PRO A 146 12.79 -22.74 -9.33
C PRO A 146 12.28 -24.10 -8.89
N ALA A 147 12.84 -25.16 -9.47
CA ALA A 147 12.47 -26.51 -9.10
C ALA A 147 12.70 -26.77 -7.61
N SER A 148 13.68 -26.09 -7.02
CA SER A 148 14.00 -26.28 -5.61
C SER A 148 12.85 -25.86 -4.69
N VAL A 149 11.89 -25.13 -5.25
CA VAL A 149 10.81 -24.51 -4.49
C VAL A 149 9.43 -25.15 -4.70
N HIS A 150 9.08 -25.44 -5.95
CA HIS A 150 7.68 -25.64 -6.31
C HIS A 150 6.98 -26.76 -5.52
N GLN A 151 7.59 -27.93 -5.48
CA GLN A 151 6.92 -29.02 -4.78
C GLN A 151 7.04 -28.90 -3.26
N ARG A 152 8.05 -28.17 -2.79
CA ARG A 152 8.12 -27.86 -1.35
C ARG A 152 6.97 -26.95 -0.95
N LEU A 153 6.66 -25.99 -1.81
CA LEU A 153 5.49 -25.11 -1.64
C LEU A 153 4.18 -25.91 -1.60
N LEU A 154 4.00 -26.80 -2.58
CA LEU A 154 2.78 -27.60 -2.60
C LEU A 154 2.68 -28.46 -1.33
N GLY A 155 3.80 -28.98 -0.87
CA GLY A 155 3.88 -29.70 0.39
C GLY A 155 3.43 -28.92 1.61
N LYS A 156 3.90 -27.67 1.73
CA LYS A 156 3.46 -26.79 2.82
C LYS A 156 1.96 -26.57 2.76
N LEU A 157 1.43 -26.42 1.55
CA LEU A 157 0.03 -26.09 1.38
C LEU A 157 -0.88 -27.28 1.68
N ARG A 158 -0.40 -28.49 1.47
CA ARG A 158 -1.19 -29.67 1.75
C ARG A 158 -0.86 -30.27 3.12
N MET B 2 -20.85 -15.26 -29.19
CA MET B 2 -21.29 -14.90 -27.85
C MET B 2 -20.10 -14.47 -26.98
N THR B 3 -20.06 -13.19 -26.63
CA THR B 3 -18.97 -12.62 -25.86
C THR B 3 -19.37 -12.50 -24.40
N GLY B 4 -18.40 -12.28 -23.50
CA GLY B 4 -18.74 -12.18 -22.09
C GLY B 4 -17.58 -11.79 -21.21
N ALA B 5 -17.91 -11.20 -20.06
CA ALA B 5 -16.90 -10.81 -19.10
C ALA B 5 -17.40 -10.92 -17.67
N VAL B 6 -16.47 -11.07 -16.75
CA VAL B 6 -16.75 -11.09 -15.31
C VAL B 6 -16.24 -9.80 -14.68
N CYS B 7 -17.06 -9.17 -13.85
CA CYS B 7 -16.72 -7.98 -13.06
C CYS B 7 -16.65 -8.35 -11.59
N PRO B 8 -15.43 -8.55 -11.05
CA PRO B 8 -15.24 -9.07 -9.70
C PRO B 8 -15.06 -7.97 -8.67
N GLY B 9 -15.38 -8.25 -7.41
CA GLY B 9 -15.12 -7.30 -6.34
C GLY B 9 -15.79 -7.77 -5.07
N SER B 10 -15.60 -7.03 -3.97
CA SER B 10 -16.32 -7.36 -2.75
C SER B 10 -17.63 -6.57 -2.67
N PHE B 11 -17.67 -5.37 -3.28
CA PHE B 11 -18.90 -4.56 -3.34
C PHE B 11 -19.59 -4.47 -1.97
N ASP B 12 -18.89 -3.90 -1.00
CA ASP B 12 -19.38 -3.85 0.38
C ASP B 12 -19.45 -2.40 0.92
N PRO B 13 -20.39 -1.59 0.39
CA PRO B 13 -21.41 -1.88 -0.62
C PRO B 13 -21.06 -1.42 -2.03
N VAL B 14 -21.85 -1.85 -3.01
CA VAL B 14 -21.71 -1.37 -4.38
C VAL B 14 -21.85 0.16 -4.41
N THR B 15 -21.01 0.82 -5.21
CA THR B 15 -21.05 2.27 -5.36
C THR B 15 -21.48 2.65 -6.78
N LEU B 16 -21.73 3.94 -7.01
CA LEU B 16 -22.01 4.40 -8.37
C LEU B 16 -20.79 4.25 -9.27
N GLY B 17 -19.59 4.21 -8.68
CA GLY B 17 -18.38 3.93 -9.43
C GLY B 17 -18.43 2.52 -10.02
N HIS B 18 -18.79 1.55 -9.18
CA HIS B 18 -18.98 0.18 -9.63
C HIS B 18 -20.07 0.08 -10.70
N LEU B 19 -21.20 0.74 -10.43
CA LEU B 19 -22.35 0.67 -11.33
C LEU B 19 -21.99 1.21 -12.72
N ASP B 20 -21.25 2.31 -12.76
CA ASP B 20 -20.81 2.90 -14.04
C ASP B 20 -20.05 1.86 -14.85
N VAL B 21 -19.14 1.16 -14.17
CA VAL B 21 -18.38 0.11 -14.84
C VAL B 21 -19.27 -1.07 -15.29
N PHE B 22 -20.19 -1.50 -14.42
CA PHE B 22 -21.13 -2.56 -14.79
C PHE B 22 -21.88 -2.18 -16.08
N GLU B 23 -22.35 -0.94 -16.14
CA GLU B 23 -23.13 -0.48 -17.30
C GLU B 23 -22.30 -0.50 -18.57
N ARG B 24 -21.05 -0.05 -18.50
CA ARG B 24 -20.21 -0.05 -19.67
C ARG B 24 -19.88 -1.47 -20.12
N ALA B 25 -19.65 -2.37 -19.18
CA ALA B 25 -19.42 -3.76 -19.55
C ALA B 25 -20.66 -4.36 -20.21
N ALA B 26 -21.84 -4.12 -19.65
CA ALA B 26 -23.07 -4.70 -20.19
C ALA B 26 -23.38 -4.15 -21.58
N ALA B 27 -22.91 -2.93 -21.84
CA ALA B 27 -23.13 -2.32 -23.14
C ALA B 27 -22.21 -2.91 -24.21
N GLN B 28 -21.11 -3.54 -23.79
CA GLN B 28 -20.06 -3.94 -24.74
C GLN B 28 -19.87 -5.45 -24.87
N PHE B 29 -20.44 -6.23 -23.96
CA PHE B 29 -20.32 -7.70 -23.99
C PHE B 29 -21.71 -8.35 -24.00
N ASP B 30 -21.87 -9.51 -24.65
CA ASP B 30 -23.20 -10.14 -24.72
C ASP B 30 -23.71 -10.54 -23.34
N GLU B 31 -22.80 -10.97 -22.47
CA GLU B 31 -23.14 -11.41 -21.13
C GLU B 31 -22.13 -10.86 -20.10
N VAL B 32 -22.64 -10.38 -18.97
CA VAL B 32 -21.79 -9.94 -17.88
C VAL B 32 -22.18 -10.64 -16.59
N ILE B 33 -21.19 -11.14 -15.85
CA ILE B 33 -21.43 -11.68 -14.52
C ILE B 33 -20.70 -10.84 -13.49
N VAL B 34 -21.42 -10.31 -12.52
CA VAL B 34 -20.77 -9.62 -11.43
C VAL B 34 -20.45 -10.68 -10.38
N ALA B 35 -19.18 -10.82 -10.04
CA ALA B 35 -18.77 -11.83 -9.08
C ALA B 35 -18.49 -11.18 -7.74
N VAL B 36 -19.34 -11.49 -6.77
CA VAL B 36 -19.22 -10.98 -5.41
C VAL B 36 -18.36 -11.93 -4.59
N LEU B 37 -17.13 -11.51 -4.30
CA LEU B 37 -16.12 -12.44 -3.82
C LEU B 37 -16.10 -12.50 -2.30
N ILE B 38 -16.44 -13.66 -1.75
CA ILE B 38 -16.55 -13.83 -0.30
C ILE B 38 -15.16 -14.06 0.32
N ASN B 39 -14.90 -13.39 1.43
CA ASN B 39 -13.55 -13.29 2.00
C ASN B 39 -13.46 -13.84 3.41
N PRO B 40 -12.23 -14.08 3.91
CA PRO B 40 -12.02 -14.47 5.32
C PRO B 40 -12.71 -13.56 6.32
N ALA B 43 -16.68 -10.71 6.83
CA ALA B 43 -15.55 -9.87 7.21
C ALA B 43 -15.88 -8.39 7.06
N GLY B 44 -16.96 -8.09 6.34
CA GLY B 44 -17.32 -6.72 6.06
C GLY B 44 -18.60 -6.25 6.74
N MET B 45 -19.20 -5.20 6.19
CA MET B 45 -20.41 -4.61 6.74
C MET B 45 -21.68 -5.35 6.32
N PHE B 46 -21.74 -5.72 5.05
CA PHE B 46 -22.91 -6.41 4.50
C PHE B 46 -22.65 -7.89 4.22
N THR B 47 -23.67 -8.72 4.41
CA THR B 47 -23.53 -10.14 4.08
C THR B 47 -23.46 -10.30 2.57
N VAL B 48 -23.03 -11.47 2.10
CA VAL B 48 -22.96 -11.72 0.67
C VAL B 48 -24.34 -11.62 0.02
N ASP B 49 -25.37 -12.12 0.71
CA ASP B 49 -26.72 -12.05 0.15
C ASP B 49 -27.18 -10.61 0.08
N GLU B 50 -26.85 -9.82 1.10
CA GLU B 50 -27.20 -8.40 1.08
C GLU B 50 -26.49 -7.68 -0.08
N ARG B 51 -25.23 -7.99 -0.27
CA ARG B 51 -24.45 -7.36 -1.36
C ARG B 51 -25.03 -7.71 -2.72
N ILE B 52 -25.38 -8.98 -2.91
CA ILE B 52 -25.98 -9.43 -4.17
C ILE B 52 -27.28 -8.67 -4.43
N GLU B 53 -28.08 -8.54 -3.38
CA GLU B 53 -29.38 -7.88 -3.46
C GLU B 53 -29.24 -6.39 -3.84
N MET B 54 -28.28 -5.70 -3.22
CA MET B 54 -28.03 -4.30 -3.55
C MET B 54 -27.58 -4.11 -5.00
N ILE B 55 -26.76 -5.03 -5.49
CA ILE B 55 -26.30 -4.97 -6.87
C ILE B 55 -27.47 -5.23 -7.83
N ARG B 56 -28.29 -6.22 -7.54
CA ARG B 56 -29.45 -6.51 -8.38
C ARG B 56 -30.42 -5.34 -8.47
N GLU B 57 -30.67 -4.69 -7.33
CA GLU B 57 -31.50 -3.50 -7.31
C GLU B 57 -30.93 -2.43 -8.23
N SER B 58 -29.61 -2.24 -8.18
CA SER B 58 -28.94 -1.19 -8.93
C SER B 58 -28.78 -1.47 -10.42
N THR B 59 -28.93 -2.74 -10.80
CA THR B 59 -28.71 -3.17 -12.19
C THR B 59 -29.96 -3.73 -12.85
N ALA B 60 -31.13 -3.37 -12.33
CA ALA B 60 -32.41 -3.87 -12.83
C ALA B 60 -32.62 -3.64 -14.32
N ASP B 61 -32.04 -2.55 -14.86
CA ASP B 61 -32.17 -2.20 -16.29
C ASP B 61 -31.18 -2.92 -17.18
N LEU B 62 -30.38 -3.83 -16.63
CA LEU B 62 -29.34 -4.50 -17.42
C LEU B 62 -29.68 -5.99 -17.55
N PRO B 63 -30.39 -6.36 -18.63
CA PRO B 63 -30.88 -7.74 -18.72
C PRO B 63 -29.80 -8.79 -18.97
N ASN B 64 -28.67 -8.38 -19.54
CA ASN B 64 -27.61 -9.33 -19.85
C ASN B 64 -26.54 -9.41 -18.76
N LEU B 65 -26.81 -8.78 -17.63
CA LEU B 65 -25.92 -8.85 -16.47
C LEU B 65 -26.58 -9.66 -15.35
N ARG B 66 -25.83 -10.60 -14.77
CA ARG B 66 -26.32 -11.31 -13.59
C ARG B 66 -25.29 -11.24 -12.48
N VAL B 67 -25.75 -11.54 -11.26
CA VAL B 67 -24.91 -11.41 -10.07
C VAL B 67 -24.78 -12.75 -9.36
N GLU B 68 -23.55 -13.17 -9.06
CA GLU B 68 -23.31 -14.44 -8.37
C GLU B 68 -22.20 -14.28 -7.34
N SER B 69 -22.23 -15.09 -6.29
CA SER B 69 -21.14 -15.09 -5.32
C SER B 69 -20.06 -16.05 -5.78
N GLY B 70 -18.85 -15.87 -5.27
CA GLY B 70 -17.77 -16.77 -5.60
C GLY B 70 -16.68 -16.70 -4.55
N GLN B 71 -15.81 -17.71 -4.57
CA GLN B 71 -14.63 -17.71 -3.72
C GLN B 71 -13.51 -18.47 -4.40
N GLY B 72 -12.31 -18.36 -3.84
CA GLY B 72 -11.16 -19.04 -4.40
C GLY B 72 -10.58 -18.26 -5.57
N LEU B 73 -10.05 -18.98 -6.55
CA LEU B 73 -9.36 -18.38 -7.68
C LEU B 73 -10.31 -17.71 -8.66
N LEU B 74 -10.09 -16.43 -8.93
CA LEU B 74 -10.97 -15.71 -9.85
C LEU B 74 -10.98 -16.34 -11.24
N VAL B 75 -9.82 -16.77 -11.74
CA VAL B 75 -9.78 -17.29 -13.10
C VAL B 75 -10.56 -18.60 -13.21
N ASP B 76 -10.69 -19.34 -12.11
CA ASP B 76 -11.53 -20.54 -12.12
C ASP B 76 -13.00 -20.16 -12.24
N PHE B 77 -13.43 -19.16 -11.47
CA PHE B 77 -14.80 -18.65 -11.55
C PHE B 77 -15.13 -18.26 -13.00
N VAL B 78 -14.20 -17.55 -13.64
CA VAL B 78 -14.38 -17.10 -15.02
C VAL B 78 -14.50 -18.26 -16.00
N ARG B 79 -13.54 -19.18 -15.94
CA ARG B 79 -13.49 -20.30 -16.92
C ARG B 79 -14.62 -21.29 -16.71
N GLU B 80 -15.05 -21.45 -15.46
CA GLU B 80 -16.16 -22.36 -15.15
C GLU B 80 -17.44 -21.93 -15.82
N ARG B 81 -17.56 -20.64 -16.12
CA ARG B 81 -18.75 -20.11 -16.76
C ARG B 81 -18.53 -19.91 -18.25
N GLY B 82 -17.48 -20.55 -18.78
CA GLY B 82 -17.21 -20.54 -20.21
C GLY B 82 -16.70 -19.23 -20.76
N LEU B 83 -16.22 -18.35 -19.89
CA LEU B 83 -15.69 -17.05 -20.32
C LEU B 83 -14.17 -17.02 -20.15
N ASN B 84 -13.51 -15.99 -20.69
CA ASN B 84 -12.09 -15.78 -20.36
C ASN B 84 -11.70 -14.31 -20.45
N ALA B 85 -12.59 -13.46 -19.94
CA ALA B 85 -12.34 -12.04 -19.79
C ALA B 85 -12.83 -11.52 -18.44
N ILE B 86 -12.05 -10.61 -17.90
CA ILE B 86 -12.36 -9.86 -16.65
C ILE B 86 -12.42 -8.37 -17.02
N VAL B 87 -13.41 -7.65 -16.51
CA VAL B 87 -13.47 -6.18 -16.70
C VAL B 87 -13.36 -5.56 -15.31
N LYS B 88 -12.35 -4.71 -15.12
CA LYS B 88 -12.10 -4.08 -13.80
C LYS B 88 -12.08 -2.56 -13.99
N GLY B 89 -12.66 -1.85 -13.03
CA GLY B 89 -12.65 -0.41 -13.14
C GLY B 89 -11.45 0.20 -12.47
N LEU B 90 -11.10 1.41 -12.91
CA LEU B 90 -10.07 2.22 -12.27
C LEU B 90 -10.67 3.48 -11.65
N ARG B 91 -10.23 3.81 -10.44
CA ARG B 91 -10.65 5.04 -9.80
C ARG B 91 -9.43 5.72 -9.18
N THR B 92 -9.64 6.91 -8.62
CA THR B 92 -8.57 7.57 -7.87
C THR B 92 -8.28 6.74 -6.62
N GLY B 93 -7.02 6.35 -6.43
CA GLY B 93 -6.67 5.48 -5.32
C GLY B 93 -6.58 4.00 -5.67
N THR B 94 -6.90 3.65 -6.90
CA THR B 94 -6.68 2.28 -7.34
C THR B 94 -5.18 1.94 -7.28
N ASP B 95 -4.84 0.76 -6.77
CA ASP B 95 -3.44 0.31 -6.83
C ASP B 95 -3.22 -0.33 -8.17
N PHE B 96 -3.02 0.51 -9.18
CA PHE B 96 -2.94 0.04 -10.58
C PHE B 96 -1.76 -0.92 -10.80
N GLU B 97 -0.66 -0.68 -10.11
CA GLU B 97 0.52 -1.56 -10.28
C GLU B 97 0.13 -2.97 -9.84
N TYR B 98 -0.59 -3.09 -8.73
CA TYR B 98 -1.03 -4.42 -8.25
C TYR B 98 -2.01 -5.02 -9.26
N GLU B 99 -2.92 -4.21 -9.80
CA GLU B 99 -3.88 -4.72 -10.77
C GLU B 99 -3.16 -5.26 -11.99
N LEU B 100 -2.11 -4.57 -12.40
CA LEU B 100 -1.35 -5.04 -13.59
C LEU B 100 -0.69 -6.37 -13.27
N GLN B 101 -0.07 -6.45 -12.11
CA GLN B 101 0.58 -7.69 -11.69
C GLN B 101 -0.41 -8.84 -11.73
N MET B 102 -1.57 -8.64 -11.10
CA MET B 102 -2.60 -9.68 -11.09
C MET B 102 -3.12 -10.02 -12.50
N ALA B 103 -3.23 -9.03 -13.38
CA ALA B 103 -3.72 -9.32 -14.74
C ALA B 103 -2.73 -10.21 -15.48
N GLN B 104 -1.46 -9.89 -15.37
CA GLN B 104 -0.41 -10.68 -16.03
C GLN B 104 -0.38 -12.07 -15.41
N MET B 105 -0.45 -12.15 -14.08
CA MET B 105 -0.56 -13.48 -13.42
C MET B 105 -1.77 -14.25 -13.93
N ASN B 106 -2.93 -13.61 -13.96
CA ASN B 106 -4.14 -14.31 -14.43
C ASN B 106 -4.09 -14.76 -15.87
N LYS B 107 -3.46 -13.98 -16.75
CA LYS B 107 -3.24 -14.39 -18.13
C LYS B 107 -2.29 -15.60 -18.21
N HIS B 108 -1.23 -15.55 -17.41
CA HIS B 108 -0.25 -16.62 -17.40
C HIS B 108 -0.81 -17.94 -16.91
N ILE B 109 -1.57 -17.92 -15.83
CA ILE B 109 -2.02 -19.19 -15.24
C ILE B 109 -3.28 -19.76 -15.89
N ALA B 110 -4.04 -18.95 -16.62
CA ALA B 110 -5.32 -19.46 -17.15
C ALA B 110 -5.73 -18.91 -18.50
N GLY B 111 -4.95 -17.99 -19.06
CA GLY B 111 -5.24 -17.45 -20.37
C GLY B 111 -6.39 -16.46 -20.38
N VAL B 112 -6.72 -15.94 -19.20
CA VAL B 112 -7.80 -14.97 -19.07
C VAL B 112 -7.29 -13.55 -19.26
N ASP B 113 -7.95 -12.79 -20.14
CA ASP B 113 -7.65 -11.40 -20.43
C ASP B 113 -8.31 -10.49 -19.39
N THR B 114 -7.68 -9.37 -19.09
CA THR B 114 -8.28 -8.36 -18.23
C THR B 114 -8.36 -7.02 -18.96
N PHE B 115 -9.56 -6.44 -19.00
CA PHE B 115 -9.77 -5.12 -19.61
C PHE B 115 -10.08 -4.12 -18.51
N PHE B 116 -9.35 -3.01 -18.51
CA PHE B 116 -9.58 -1.96 -17.52
C PHE B 116 -10.34 -0.79 -18.11
N VAL B 117 -11.28 -0.25 -17.35
CA VAL B 117 -11.96 0.97 -17.77
C VAL B 117 -11.98 1.99 -16.63
N ALA B 118 -11.66 3.23 -16.92
CA ALA B 118 -11.73 4.28 -15.89
C ALA B 118 -13.15 4.66 -15.59
N THR B 119 -13.53 4.77 -14.31
CA THR B 119 -14.89 5.18 -14.02
C THR B 119 -15.02 6.67 -14.31
N ALA B 120 -16.26 7.13 -14.45
CA ALA B 120 -16.54 8.54 -14.75
C ALA B 120 -15.93 9.43 -13.68
N PRO B 121 -15.49 10.63 -14.10
CA PRO B 121 -14.86 11.53 -13.12
C PRO B 121 -15.74 11.80 -11.89
N ALA B 122 -17.05 11.91 -12.07
CA ALA B 122 -17.97 12.15 -10.96
C ALA B 122 -17.86 11.08 -9.86
N TYR B 123 -17.53 9.87 -10.25
CA TYR B 123 -17.52 8.73 -9.32
C TYR B 123 -16.12 8.23 -9.05
N SER B 124 -15.12 9.04 -9.40
CA SER B 124 -13.73 8.62 -9.36
C SER B 124 -13.05 8.62 -7.98
N PHE B 125 -13.64 9.32 -7.00
CA PHE B 125 -13.05 9.37 -5.66
C PHE B 125 -13.83 8.55 -4.64
N VAL B 126 -14.91 7.90 -5.07
CA VAL B 126 -15.67 7.06 -4.14
C VAL B 126 -15.08 5.65 -4.14
N SER B 127 -15.02 5.04 -2.95
CA SER B 127 -14.74 3.62 -2.81
C SER B 127 -15.68 3.10 -1.74
N SER B 128 -15.84 1.78 -1.67
CA SER B 128 -16.69 1.21 -0.63
C SER B 128 -16.17 1.59 0.75
N SER B 129 -14.86 1.48 0.94
CA SER B 129 -14.26 1.73 2.26
C SER B 129 -14.37 3.19 2.69
N LEU B 130 -14.05 4.11 1.79
CA LEU B 130 -14.11 5.53 2.12
C LEU B 130 -15.55 5.97 2.33
N ALA B 131 -16.49 5.45 1.53
CA ALA B 131 -17.91 5.77 1.73
C ALA B 131 -18.42 5.32 3.10
N LYS B 132 -18.04 4.12 3.52
CA LYS B 132 -18.46 3.64 4.83
C LYS B 132 -17.86 4.51 5.93
N GLU B 133 -16.57 4.82 5.80
CA GLU B 133 -15.85 5.61 6.78
C GLU B 133 -16.49 6.98 6.96
N VAL B 134 -16.73 7.67 5.84
CA VAL B 134 -17.38 8.98 5.87
C VAL B 134 -18.79 8.92 6.47
N ALA B 135 -19.58 7.94 6.03
CA ALA B 135 -20.96 7.80 6.50
C ALA B 135 -21.02 7.54 8.00
N THR B 136 -20.07 6.75 8.49
CA THR B 136 -19.99 6.41 9.91
C THR B 136 -19.92 7.66 10.78
N TYR B 137 -19.23 8.68 10.29
CA TYR B 137 -19.04 9.90 11.07
C TYR B 137 -20.00 11.00 10.66
N GLY B 138 -21.01 10.65 9.86
CA GLY B 138 -22.08 11.56 9.55
C GLY B 138 -21.89 12.38 8.29
N GLY B 139 -20.90 12.02 7.48
CA GLY B 139 -20.73 12.68 6.19
C GLY B 139 -21.78 12.19 5.21
N ASP B 140 -22.18 13.06 4.28
CA ASP B 140 -23.23 12.74 3.32
C ASP B 140 -22.66 12.18 2.02
N VAL B 141 -22.80 10.88 1.83
CA VAL B 141 -22.28 10.23 0.63
C VAL B 141 -23.41 9.78 -0.29
N SER B 142 -24.58 10.41 -0.18
CA SER B 142 -25.74 9.95 -0.94
C SER B 142 -25.62 10.19 -2.45
N ALA B 143 -24.76 11.12 -2.87
CA ALA B 143 -24.61 11.37 -4.31
C ALA B 143 -23.65 10.38 -4.96
N LEU B 144 -23.09 9.50 -4.13
CA LEU B 144 -22.02 8.60 -4.56
C LEU B 144 -22.43 7.13 -4.57
N LEU B 145 -23.63 6.85 -4.06
CA LEU B 145 -24.18 5.50 -3.96
C LEU B 145 -25.57 5.42 -4.60
N PRO B 146 -25.96 4.24 -5.09
CA PRO B 146 -27.36 4.06 -5.50
C PRO B 146 -28.31 4.36 -4.34
N ALA B 147 -29.51 4.86 -4.63
CA ALA B 147 -30.45 5.28 -3.59
C ALA B 147 -30.76 4.18 -2.57
N SER B 148 -30.99 2.98 -3.07
CA SER B 148 -31.34 1.85 -2.22
C SER B 148 -30.19 1.48 -1.29
N VAL B 149 -28.97 1.63 -1.79
CA VAL B 149 -27.79 1.30 -1.01
C VAL B 149 -27.62 2.29 0.15
N HIS B 150 -27.80 3.57 -0.13
CA HIS B 150 -27.64 4.61 0.88
C HIS B 150 -28.63 4.40 2.02
N GLN B 151 -29.86 4.03 1.65
CA GLN B 151 -30.90 3.71 2.61
C GLN B 151 -30.48 2.56 3.55
N ARG B 152 -29.89 1.50 2.99
CA ARG B 152 -29.46 0.36 3.79
C ARG B 152 -28.23 0.65 4.64
N LEU B 153 -27.38 1.56 4.17
CA LEU B 153 -26.18 1.94 4.89
C LEU B 153 -26.54 2.68 6.18
N LEU B 154 -27.49 3.59 6.08
CA LEU B 154 -28.02 4.29 7.25
C LEU B 154 -28.52 3.30 8.28
N GLY B 155 -29.22 2.27 7.80
CA GLY B 155 -29.77 1.24 8.66
C GLY B 155 -28.72 0.46 9.44
N LYS B 156 -27.65 0.06 8.78
CA LYS B 156 -26.58 -0.68 9.43
C LYS B 156 -25.89 0.19 10.49
N LEU B 157 -25.75 1.48 10.20
CA LEU B 157 -25.09 2.41 11.11
C LEU B 157 -25.99 2.82 12.29
N ARG B 158 -27.30 2.79 12.08
CA ARG B 158 -28.24 3.13 13.16
C ARG B 158 -28.63 1.89 13.96
N MET C 2 -8.35 37.06 7.32
CA MET C 2 -8.88 35.98 8.16
C MET C 2 -8.61 34.61 7.53
N THR C 3 -7.42 34.42 7.00
CA THR C 3 -7.11 33.17 6.30
C THR C 3 -6.64 32.11 7.31
N GLY C 4 -6.77 30.84 6.94
CA GLY C 4 -6.31 29.80 7.84
C GLY C 4 -6.31 28.40 7.26
N ALA C 5 -5.45 27.54 7.77
CA ALA C 5 -5.40 26.15 7.31
C ALA C 5 -5.14 25.20 8.46
N VAL C 6 -5.61 23.96 8.31
CA VAL C 6 -5.35 22.88 9.27
C VAL C 6 -4.31 21.90 8.71
N CYS C 7 -3.31 21.57 9.52
CA CYS C 7 -2.28 20.57 9.16
C CYS C 7 -2.47 19.29 9.98
N PRO C 8 -3.03 18.25 9.34
CA PRO C 8 -3.44 17.05 10.06
C PRO C 8 -2.40 15.95 10.03
N GLY C 9 -2.41 15.07 11.04
CA GLY C 9 -1.54 13.90 11.01
C GLY C 9 -1.61 13.17 12.34
N SER C 10 -0.89 12.05 12.43
CA SER C 10 -0.81 11.35 13.71
C SER C 10 0.43 11.83 14.46
N PHE C 11 1.48 12.21 13.71
CA PHE C 11 2.70 12.80 14.27
C PHE C 11 3.24 11.98 15.46
N ASP C 12 3.61 10.74 15.17
CA ASP C 12 4.00 9.79 16.22
C ASP C 12 5.41 9.24 16.04
N PRO C 13 6.44 10.09 16.21
CA PRO C 13 6.41 11.50 16.60
C PRO C 13 6.47 12.45 15.42
N VAL C 14 6.33 13.75 15.71
CA VAL C 14 6.58 14.79 14.73
C VAL C 14 8.04 14.74 14.24
N THR C 15 8.23 14.92 12.94
CA THR C 15 9.57 14.95 12.35
C THR C 15 9.91 16.35 11.83
N LEU C 16 11.16 16.54 11.41
CA LEU C 16 11.56 17.80 10.77
C LEU C 16 10.83 17.97 9.42
N GLY C 17 10.44 16.86 8.82
CA GLY C 17 9.61 16.90 7.62
C GLY C 17 8.27 17.58 7.90
N HIS C 18 7.64 17.18 9.00
CA HIS C 18 6.38 17.79 9.42
C HIS C 18 6.59 19.26 9.75
N LEU C 19 7.66 19.53 10.51
CA LEU C 19 7.96 20.88 10.99
C LEU C 19 8.18 21.84 9.83
N ASP C 20 8.86 21.37 8.79
CA ASP C 20 9.05 22.16 7.57
C ASP C 20 7.71 22.60 6.98
N VAL C 21 6.77 21.67 6.88
CA VAL C 21 5.45 21.98 6.35
C VAL C 21 4.69 22.95 7.27
N PHE C 22 4.77 22.74 8.59
CA PHE C 22 4.12 23.64 9.56
C PHE C 22 4.62 25.08 9.33
N GLU C 23 5.93 25.21 9.17
CA GLU C 23 6.56 26.52 9.03
C GLU C 23 6.11 27.20 7.75
N ARG C 24 5.99 26.43 6.68
CA ARG C 24 5.53 27.02 5.42
C ARG C 24 4.05 27.42 5.50
N ALA C 25 3.21 26.56 6.07
CA ALA C 25 1.80 26.90 6.26
C ALA C 25 1.68 28.17 7.10
N ALA C 26 2.46 28.22 8.18
CA ALA C 26 2.39 29.36 9.09
C ALA C 26 2.87 30.66 8.44
N ALA C 27 3.75 30.52 7.46
CA ALA C 27 4.26 31.67 6.73
C ALA C 27 3.26 32.19 5.67
N GLN C 28 2.28 31.37 5.27
CA GLN C 28 1.41 31.73 4.15
C GLN C 28 -0.06 31.88 4.51
N PHE C 29 -0.42 31.51 5.74
CA PHE C 29 -1.80 31.68 6.23
C PHE C 29 -1.75 32.42 7.57
N ASP C 30 -2.79 33.23 7.85
CA ASP C 30 -2.81 33.98 9.11
C ASP C 30 -2.84 33.08 10.33
N GLU C 31 -3.55 31.96 10.22
CA GLU C 31 -3.83 31.06 11.32
C GLU C 31 -3.55 29.62 10.91
N VAL C 32 -2.78 28.88 11.70
CA VAL C 32 -2.60 27.45 11.45
C VAL C 32 -2.96 26.63 12.67
N ILE C 33 -3.71 25.55 12.45
CA ILE C 33 -3.96 24.60 13.51
C ILE C 33 -3.40 23.23 13.12
N VAL C 34 -2.52 22.69 13.97
CA VAL C 34 -2.04 21.33 13.77
C VAL C 34 -3.03 20.37 14.43
N ALA C 35 -3.60 19.49 13.63
CA ALA C 35 -4.60 18.54 14.11
C ALA C 35 -3.98 17.19 14.37
N VAL C 36 -3.95 16.79 15.63
CA VAL C 36 -3.35 15.52 16.02
C VAL C 36 -4.41 14.43 16.12
N LEU C 37 -4.33 13.48 15.20
CA LEU C 37 -5.34 12.41 15.08
C LEU C 37 -5.19 11.39 16.20
N ILE C 38 -6.31 10.95 16.75
CA ILE C 38 -6.27 10.02 17.87
C ILE C 38 -7.21 8.84 17.58
N ASN C 39 -6.90 7.68 18.14
CA ASN C 39 -7.75 6.50 18.02
C ASN C 39 -7.87 5.73 19.32
N ALA C 43 -3.07 3.05 18.39
CA ALA C 43 -2.13 2.80 19.47
C ALA C 43 -0.69 2.84 18.94
N GLY C 44 -0.07 4.01 19.04
CA GLY C 44 1.29 4.18 18.57
C GLY C 44 2.31 4.15 19.70
N MET C 45 3.37 4.93 19.54
CA MET C 45 4.45 4.98 20.52
C MET C 45 4.22 6.06 21.56
N PHE C 46 3.70 7.20 21.13
CA PHE C 46 3.47 8.30 22.06
C PHE C 46 1.99 8.52 22.30
N THR C 47 1.64 8.91 23.52
CA THR C 47 0.25 9.30 23.79
C THR C 47 -0.04 10.61 23.09
N VAL C 48 -1.33 10.93 23.00
CA VAL C 48 -1.77 12.13 22.31
C VAL C 48 -1.15 13.36 22.95
N ASP C 49 -1.20 13.43 24.29
CA ASP C 49 -0.64 14.57 25.00
C ASP C 49 0.85 14.71 24.74
N GLU C 50 1.58 13.59 24.71
CA GLU C 50 3.01 13.62 24.43
C GLU C 50 3.27 14.17 23.02
N ARG C 51 2.49 13.71 22.07
CA ARG C 51 2.64 14.17 20.68
C ARG C 51 2.37 15.65 20.59
N ILE C 52 1.33 16.10 21.30
CA ILE C 52 0.98 17.50 21.29
C ILE C 52 2.10 18.34 21.92
N GLU C 53 2.60 17.92 23.08
CA GLU C 53 3.72 18.59 23.74
C GLU C 53 4.93 18.72 22.82
N MET C 54 5.30 17.62 22.18
CA MET C 54 6.46 17.61 21.29
C MET C 54 6.30 18.58 20.12
N ILE C 55 5.09 18.70 19.58
CA ILE C 55 4.84 19.66 18.50
C ILE C 55 4.89 21.09 19.04
N ARG C 56 4.23 21.32 20.18
CA ARG C 56 4.27 22.64 20.81
C ARG C 56 5.72 23.09 21.08
N GLU C 57 6.55 22.17 21.57
CA GLU C 57 7.95 22.48 21.86
C GLU C 57 8.71 22.88 20.59
N SER C 58 8.40 22.19 19.49
CA SER C 58 9.13 22.41 18.24
C SER C 58 8.60 23.59 17.43
N THR C 59 7.43 24.09 17.79
CA THR C 59 6.84 25.20 17.05
C THR C 59 6.74 26.49 17.86
N ALA C 60 7.57 26.61 18.89
CA ALA C 60 7.50 27.77 19.78
C ALA C 60 7.73 29.09 19.05
N ASP C 61 8.50 29.03 17.98
CA ASP C 61 8.80 30.22 17.16
C ASP C 61 7.69 30.56 16.17
N LEU C 62 6.57 29.86 16.25
CA LEU C 62 5.46 30.09 15.33
C LEU C 62 4.24 30.59 16.09
N PRO C 63 4.12 31.92 16.24
CA PRO C 63 3.10 32.58 17.05
C PRO C 63 1.67 32.36 16.57
N ASN C 64 1.48 32.14 15.27
CA ASN C 64 0.14 31.97 14.72
C ASN C 64 -0.26 30.50 14.51
N LEU C 65 0.48 29.59 15.14
CA LEU C 65 0.18 28.16 15.08
C LEU C 65 -0.18 27.64 16.47
N ARG C 66 -1.25 26.85 16.52
CA ARG C 66 -1.61 26.14 17.75
C ARG C 66 -1.79 24.66 17.45
N VAL C 67 -1.85 23.84 18.49
CA VAL C 67 -1.91 22.40 18.35
C VAL C 67 -3.10 21.86 19.13
N GLU C 68 -3.93 21.06 18.47
CA GLU C 68 -5.11 20.47 19.10
C GLU C 68 -5.32 19.03 18.66
N SER C 69 -5.91 18.21 19.53
CA SER C 69 -6.23 16.84 19.14
C SER C 69 -7.62 16.79 18.51
N GLY C 70 -7.87 15.73 17.75
CA GLY C 70 -9.18 15.55 17.17
C GLY C 70 -9.44 14.11 16.77
N GLN C 71 -10.70 13.79 16.52
CA GLN C 71 -11.07 12.50 15.95
C GLN C 71 -12.27 12.72 15.06
N GLY C 72 -12.77 11.66 14.44
CA GLY C 72 -13.90 11.80 13.53
C GLY C 72 -13.46 12.36 12.21
N LEU C 73 -14.38 12.98 11.47
CA LEU C 73 -14.08 13.53 10.14
C LEU C 73 -13.17 14.74 10.24
N LEU C 74 -12.09 14.73 9.48
CA LEU C 74 -11.20 15.89 9.44
C LEU C 74 -11.95 17.15 9.00
N VAL C 75 -12.86 17.01 8.05
CA VAL C 75 -13.57 18.19 7.55
C VAL C 75 -14.40 18.83 8.67
N ASP C 76 -14.87 18.03 9.61
CA ASP C 76 -15.63 18.59 10.73
C ASP C 76 -14.70 19.36 11.64
N PHE C 77 -13.51 18.81 11.90
CA PHE C 77 -12.50 19.50 12.68
C PHE C 77 -12.18 20.87 12.08
N VAL C 78 -12.01 20.90 10.76
CA VAL C 78 -11.68 22.15 10.04
C VAL C 78 -12.84 23.15 10.11
N ARG C 79 -14.02 22.71 9.71
CA ARG C 79 -15.23 23.59 9.63
C ARG C 79 -15.63 24.10 11.02
N GLU C 80 -15.54 23.26 12.04
CA GLU C 80 -15.92 23.66 13.41
C GLU C 80 -15.02 24.78 13.92
N ARG C 81 -13.91 25.04 13.26
CA ARG C 81 -13.00 26.11 13.65
C ARG C 81 -13.05 27.30 12.68
N GLY C 82 -14.06 27.29 11.80
CA GLY C 82 -14.33 28.40 10.90
C GLY C 82 -13.48 28.41 9.65
N LEU C 83 -12.73 27.34 9.43
CA LEU C 83 -11.81 27.28 8.29
C LEU C 83 -12.33 26.33 7.22
N ASN C 84 -11.73 26.37 6.03
CA ASN C 84 -12.03 25.35 5.03
C ASN C 84 -10.83 25.08 4.11
N ALA C 85 -9.66 24.99 4.73
CA ALA C 85 -8.44 24.59 4.03
C ALA C 85 -7.61 23.62 4.87
N ILE C 86 -7.05 22.62 4.18
CA ILE C 86 -6.12 21.67 4.75
C ILE C 86 -4.77 21.87 4.03
N VAL C 87 -3.68 21.87 4.77
CA VAL C 87 -2.35 21.83 4.16
C VAL C 87 -1.68 20.51 4.54
N LYS C 88 -1.26 19.77 3.52
CA LYS C 88 -0.66 18.45 3.71
C LYS C 88 0.68 18.35 3.00
N GLY C 89 1.67 17.77 3.67
CA GLY C 89 2.99 17.64 3.08
C GLY C 89 3.12 16.42 2.19
N LEU C 90 4.03 16.49 1.22
CA LEU C 90 4.39 15.32 0.42
C LEU C 90 5.84 14.94 0.73
N ARG C 91 6.10 13.65 0.88
CA ARG C 91 7.46 13.17 1.08
C ARG C 91 7.69 11.98 0.18
N THR C 92 8.91 11.46 0.16
CA THR C 92 9.14 10.21 -0.55
C THR C 92 8.42 9.10 0.19
N GLY C 93 7.53 8.41 -0.50
CA GLY C 93 6.77 7.34 0.13
C GLY C 93 5.34 7.72 0.45
N THR C 94 5.01 9.00 0.27
CA THR C 94 3.63 9.46 0.40
C THR C 94 2.74 8.67 -0.58
N ASP C 95 1.63 8.13 -0.08
CA ASP C 95 0.61 7.53 -0.95
C ASP C 95 -0.23 8.67 -1.54
N PHE C 96 0.30 9.30 -2.58
CA PHE C 96 -0.35 10.51 -3.14
C PHE C 96 -1.72 10.20 -3.77
N GLU C 97 -1.83 9.05 -4.42
CA GLU C 97 -3.13 8.71 -5.06
C GLU C 97 -4.22 8.68 -3.99
N TYR C 98 -3.92 8.10 -2.83
CA TYR C 98 -4.88 8.07 -1.75
C TYR C 98 -5.15 9.49 -1.25
N GLU C 99 -4.11 10.31 -1.15
CA GLU C 99 -4.31 11.69 -0.68
C GLU C 99 -5.23 12.46 -1.63
N LEU C 100 -5.07 12.24 -2.93
CA LEU C 100 -5.95 12.87 -3.94
C LEU C 100 -7.38 12.40 -3.78
N GLN C 101 -7.57 11.10 -3.56
CA GLN C 101 -8.91 10.56 -3.36
C GLN C 101 -9.58 11.25 -2.17
N MET C 102 -8.86 11.32 -1.06
CA MET C 102 -9.38 11.96 0.14
C MET C 102 -9.64 13.45 -0.04
N ALA C 103 -8.76 14.12 -0.79
CA ALA C 103 -8.94 15.54 -1.07
C ALA C 103 -10.24 15.77 -1.85
N GLN C 104 -10.47 14.97 -2.88
CA GLN C 104 -11.69 15.12 -3.67
C GLN C 104 -12.93 14.79 -2.83
N MET C 105 -12.85 13.75 -2.01
CA MET C 105 -13.96 13.42 -1.11
C MET C 105 -14.23 14.58 -0.14
N ASN C 106 -13.16 15.11 0.46
CA ASN C 106 -13.34 16.16 1.47
C ASN C 106 -13.95 17.42 0.85
N LYS C 107 -13.55 17.74 -0.37
CA LYS C 107 -14.16 18.87 -1.09
C LYS C 107 -15.64 18.58 -1.38
N HIS C 108 -15.93 17.35 -1.80
CA HIS C 108 -17.30 16.98 -2.11
C HIS C 108 -18.22 17.09 -0.89
N ILE C 109 -17.81 16.53 0.25
CA ILE C 109 -18.74 16.45 1.38
C ILE C 109 -18.82 17.72 2.22
N ALA C 110 -17.85 18.63 2.09
CA ALA C 110 -17.82 19.77 3.00
C ALA C 110 -17.25 21.06 2.42
N GLY C 111 -16.90 21.05 1.14
CA GLY C 111 -16.35 22.21 0.47
C GLY C 111 -14.99 22.67 1.00
N VAL C 112 -14.25 21.76 1.62
CA VAL C 112 -12.91 22.06 2.15
C VAL C 112 -11.83 21.80 1.08
N ASP C 113 -10.97 22.78 0.86
CA ASP C 113 -9.86 22.63 -0.09
C ASP C 113 -8.64 22.00 0.57
N THR C 114 -7.86 21.26 -0.21
CA THR C 114 -6.60 20.70 0.28
C THR C 114 -5.44 21.19 -0.57
N PHE C 115 -4.45 21.79 0.09
CA PHE C 115 -3.24 22.24 -0.60
C PHE C 115 -2.08 21.34 -0.22
N PHE C 116 -1.38 20.84 -1.23
CA PHE C 116 -0.23 19.96 -1.00
C PHE C 116 1.07 20.71 -1.19
N VAL C 117 2.04 20.46 -0.31
CA VAL C 117 3.35 21.08 -0.44
C VAL C 117 4.44 20.01 -0.23
N ALA C 118 5.41 19.96 -1.12
CA ALA C 118 6.56 19.04 -0.98
C ALA C 118 7.50 19.47 0.12
N THR C 119 7.85 18.53 0.98
CA THR C 119 8.80 18.89 2.05
C THR C 119 10.19 19.07 1.44
N ALA C 120 11.06 19.76 2.16
CA ALA C 120 12.43 20.00 1.72
C ALA C 120 13.13 18.69 1.42
N PRO C 121 13.96 18.68 0.37
CA PRO C 121 14.70 17.45 0.00
C PRO C 121 15.40 16.80 1.19
N ALA C 122 16.02 17.59 2.07
CA ALA C 122 16.75 17.03 3.21
C ALA C 122 15.85 16.21 4.14
N TYR C 123 14.56 16.54 4.18
CA TYR C 123 13.64 15.86 5.09
C TYR C 123 12.67 14.96 4.34
N SER C 124 13.01 14.64 3.10
CA SER C 124 12.06 13.97 2.22
C SER C 124 11.99 12.44 2.37
N PHE C 125 12.95 11.84 3.07
CA PHE C 125 12.94 10.39 3.23
C PHE C 125 12.62 9.97 4.67
N VAL C 126 12.34 10.95 5.53
CA VAL C 126 11.98 10.61 6.89
C VAL C 126 10.46 10.50 6.99
N SER C 127 10.00 9.50 7.72
CA SER C 127 8.62 9.38 8.15
C SER C 127 8.64 9.01 9.62
N SER C 128 7.53 9.21 10.32
CA SER C 128 7.49 8.81 11.73
C SER C 128 7.82 7.32 11.89
N SER C 129 7.20 6.49 11.05
CA SER C 129 7.40 5.04 11.11
C SER C 129 8.83 4.59 10.83
N LEU C 130 9.43 5.11 9.76
CA LEU C 130 10.79 4.70 9.41
C LEU C 130 11.79 5.20 10.45
N ALA C 131 11.57 6.39 10.98
CA ALA C 131 12.46 6.92 12.04
C ALA C 131 12.42 6.04 13.31
N LYS C 132 11.22 5.64 13.73
CA LYS C 132 11.07 4.74 14.88
C LYS C 132 11.73 3.40 14.62
N GLU C 133 11.47 2.83 13.45
CA GLU C 133 12.07 1.56 13.06
C GLU C 133 13.61 1.58 13.09
N VAL C 134 14.19 2.58 12.45
CA VAL C 134 15.64 2.73 12.43
C VAL C 134 16.22 2.96 13.82
N ALA C 135 15.60 3.87 14.58
CA ALA C 135 16.09 4.18 15.92
C ALA C 135 16.01 2.95 16.82
N THR C 136 14.96 2.16 16.64
CA THR C 136 14.75 0.93 17.40
C THR C 136 15.95 -0.02 17.28
N TYR C 137 16.51 -0.11 16.08
CA TYR C 137 17.63 -1.01 15.84
C TYR C 137 18.98 -0.31 15.96
N GLY C 138 18.95 0.90 16.51
CA GLY C 138 20.17 1.60 16.88
C GLY C 138 20.73 2.58 15.87
N GLY C 139 19.99 2.85 14.79
CA GLY C 139 20.48 3.82 13.81
C GLY C 139 20.28 5.25 14.28
N ASP C 140 21.12 6.16 13.81
CA ASP C 140 21.10 7.55 14.22
C ASP C 140 20.16 8.41 13.36
N VAL C 141 19.03 8.80 13.94
CA VAL C 141 18.06 9.64 13.25
C VAL C 141 18.01 11.06 13.82
N SER C 142 19.06 11.45 14.55
CA SER C 142 19.08 12.73 15.26
C SER C 142 19.06 13.93 14.30
N ALA C 143 19.50 13.73 13.07
CA ALA C 143 19.45 14.83 12.09
C ALA C 143 18.05 15.00 11.47
N LEU C 144 17.14 14.10 11.80
CA LEU C 144 15.85 14.01 11.10
C LEU C 144 14.67 14.41 11.97
N LEU C 145 14.94 14.66 13.25
CA LEU C 145 13.93 14.97 14.25
C LEU C 145 14.31 16.20 15.03
N PRO C 146 13.32 16.94 15.55
CA PRO C 146 13.65 18.06 16.44
C PRO C 146 14.43 17.56 17.66
N ALA C 147 15.32 18.39 18.20
CA ALA C 147 16.21 17.98 19.30
C ALA C 147 15.44 17.38 20.48
N SER C 148 14.34 18.04 20.85
CA SER C 148 13.51 17.58 21.96
C SER C 148 12.95 16.20 21.70
N VAL C 149 12.31 16.04 20.54
CA VAL C 149 11.75 14.77 20.12
C VAL C 149 12.75 13.64 20.20
N HIS C 150 13.96 13.88 19.69
CA HIS C 150 15.00 12.86 19.64
C HIS C 150 15.33 12.34 21.03
N GLN C 151 15.52 13.24 21.98
CA GLN C 151 15.81 12.81 23.34
C GLN C 151 14.67 11.98 23.92
N ARG C 152 13.42 12.38 23.67
CA ARG C 152 12.29 11.66 24.24
C ARG C 152 12.07 10.30 23.56
N LEU C 153 12.37 10.20 22.27
CA LEU C 153 12.35 8.90 21.57
C LEU C 153 13.35 7.91 22.17
N LEU C 154 14.56 8.38 22.39
CA LEU C 154 15.58 7.55 23.04
C LEU C 154 15.06 7.12 24.40
N GLY C 155 14.28 7.99 25.03
CA GLY C 155 13.69 7.70 26.33
C GLY C 155 12.70 6.56 26.26
N LYS C 156 11.85 6.51 25.24
CA LYS C 156 10.86 5.40 25.16
C LYS C 156 11.55 4.09 24.80
N LEU C 157 12.67 4.15 24.10
CA LEU C 157 13.36 2.89 23.70
C LEU C 157 14.18 2.35 24.86
N ARG C 158 14.98 3.20 25.49
CA ARG C 158 15.84 2.75 26.60
C ARG C 158 15.14 2.85 27.95
C10 EQ5 D . 13.86 -9.03 -7.31
C01 EQ5 D . 12.36 -8.94 -4.49
C02 EQ5 D . 13.74 -8.93 -4.79
C03 EQ5 D . 14.66 -8.87 -3.74
C04 EQ5 D . 14.19 -8.83 -2.43
C05 EQ5 D . 12.83 -8.84 -2.14
C06 EQ5 D . 11.91 -8.90 -3.18
C07 EQ5 D . 15.96 -8.87 -4.35
C08 EQ5 D . 15.73 -8.93 -5.73
N09 EQ5 D . 14.42 -8.96 -5.96
C11 EQ5 D . 12.41 -8.53 -7.43
C12 EQ5 D . 11.51 -9.60 -8.01
O13 EQ5 D . 10.98 -9.45 -9.14
O14 EQ5 D . 11.26 -10.66 -7.37
C10 EQ5 E . -14.89 -0.64 -10.96
C01 EQ5 E . -13.77 -1.64 -8.23
C02 EQ5 E . -14.33 -2.39 -9.29
C03 EQ5 E . -14.43 -3.76 -9.18
C04 EQ5 E . -13.98 -4.39 -8.01
C05 EQ5 E . -13.42 -3.66 -6.96
C06 EQ5 E . -13.32 -2.28 -7.07
C07 EQ5 E . -15.05 -4.21 -10.41
C08 EQ5 E . -15.27 -3.05 -11.17
N09 EQ5 E . -14.83 -2.01 -10.48
C11 EQ5 E . -15.64 0.31 -10.01
C12 EQ5 E . -14.70 1.32 -9.36
O13 EQ5 E . -15.16 2.42 -8.92
O14 EQ5 E . -13.47 1.06 -9.25
#